data_3K01
#
_entry.id   3K01
#
_cell.length_a   35.525
_cell.length_b   92.342
_cell.length_c   106.921
_cell.angle_alpha   90.000
_cell.angle_beta   90.000
_cell.angle_gamma   90.000
#
_symmetry.space_group_name_H-M   'P 21 21 21'
#
loop_
_entity.id
_entity.type
_entity.pdbx_description
1 polymer 'Acarbose/maltose binding protein GacH'
2 non-polymer 'SULFATE ION'
3 water water
#
_entity_poly.entity_id   1
_entity_poly.type   'polypeptide(L)'
_entity_poly.pdbx_seq_one_letter_code
;MGSSHHHHHHSSGLVPRGSHMAMVELSGTVTFWDTSNEAEKATYQALAEGFEKEHPKVDVKYVNVPFGEANAKFKNAAGG
NSGAPDVMRTEVAWVADFASIGYLAPLDGTPALDDGSDHLPQAAASTRYEGKTYAVPQVIDTLALFYNKELLTKAGVEVP
GSVAELKTAAAEITEKTGATGLYLRGDDPYWFLPYLYGEGGDLVDEKNKTVTVDDEAGVRAYRVIKDLVDSKAAITDASD
GWNNMQNAFKSGKVAMMVNGPWAIEDVKAGARFKDAGNLGVAPVPAGSAGQGSPQGGWNLSVYAGSKNLDASYAFVKYMS
SAKVQQQTTEKLSLLPTRTSVYEVPSVADNEMVKFFKPAVDKAVERPWIAEGNALFEPIRLQMANVLSGETSPDEAAANT
GDAYRKLLKDYK
;
_entity_poly.pdbx_strand_id   A
#
# COMPACT_ATOMS: atom_id res chain seq x y z
N ALA A 22 -5.03 -23.05 -40.09
CA ALA A 22 -4.03 -23.18 -38.98
C ALA A 22 -3.47 -21.81 -38.59
N MET A 23 -3.30 -21.63 -37.29
CA MET A 23 -2.72 -20.42 -36.71
C MET A 23 -1.67 -20.87 -35.74
N VAL A 24 -0.62 -20.09 -35.57
CA VAL A 24 0.37 -20.46 -34.56
C VAL A 24 -0.19 -20.15 -33.15
N GLU A 25 0.34 -20.88 -32.18
CA GLU A 25 0.00 -20.67 -30.78
C GLU A 25 1.17 -19.98 -30.10
N LEU A 26 0.88 -19.33 -28.98
CA LEU A 26 1.96 -18.80 -28.14
C LEU A 26 2.93 -19.91 -27.78
N SER A 27 4.21 -19.58 -27.77
CA SER A 27 5.24 -20.56 -27.44
C SER A 27 6.39 -19.87 -26.73
N GLY A 28 7.41 -20.65 -26.38
CA GLY A 28 8.61 -20.10 -25.77
C GLY A 28 8.52 -20.17 -24.26
N THR A 29 9.40 -19.41 -23.60
CA THR A 29 9.51 -19.43 -22.13
C THR A 29 9.00 -18.12 -21.58
N VAL A 30 8.28 -18.20 -20.46
CA VAL A 30 7.98 -17.01 -19.66
C VAL A 30 8.51 -17.26 -18.25
N THR A 31 9.59 -16.57 -17.90
CA THR A 31 10.13 -16.62 -16.54
C THR A 31 9.45 -15.54 -15.73
N PHE A 32 8.81 -15.96 -14.64
CA PHE A 32 8.04 -15.07 -13.77
C PHE A 32 8.68 -15.01 -12.40
N TRP A 33 9.08 -13.81 -11.96
CA TRP A 33 9.56 -13.62 -10.58
C TRP A 33 8.44 -13.09 -9.71
N ASP A 34 8.01 -13.94 -8.77
CA ASP A 34 6.97 -13.63 -7.80
C ASP A 34 7.61 -13.29 -6.46
N THR A 35 7.01 -12.34 -5.75
CA THR A 35 7.53 -11.92 -4.43
C THR A 35 6.57 -12.32 -3.29
N SER A 36 5.54 -13.12 -3.58
CA SER A 36 4.59 -13.49 -2.55
C SER A 36 5.28 -14.27 -1.43
N ASN A 37 4.64 -14.27 -0.26
CA ASN A 37 5.27 -14.84 0.93
C ASN A 37 5.20 -16.37 1.02
N GLU A 38 5.78 -16.92 2.09
CA GLU A 38 5.86 -18.36 2.28
C GLU A 38 4.50 -19.05 2.19
N ALA A 39 3.47 -18.42 2.75
CA ALA A 39 2.13 -18.99 2.77
C ALA A 39 1.41 -18.83 1.44
N GLU A 40 1.84 -17.86 0.64
CA GLU A 40 1.18 -17.52 -0.63
C GLU A 40 1.78 -18.21 -1.84
N LYS A 41 3.05 -18.59 -1.75
CA LYS A 41 3.80 -18.92 -2.96
C LYS A 41 3.36 -20.21 -3.66
N ALA A 42 2.89 -21.19 -2.90
CA ALA A 42 2.39 -22.43 -3.55
C ALA A 42 1.18 -22.12 -4.44
N THR A 43 0.29 -21.27 -3.92
CA THR A 43 -0.89 -20.89 -4.69
C THR A 43 -0.50 -20.08 -5.92
N TYR A 44 0.40 -19.11 -5.74
CA TYR A 44 0.78 -18.30 -6.88
C TYR A 44 1.53 -19.11 -7.95
N GLN A 45 2.37 -20.08 -7.53
CA GLN A 45 3.03 -20.94 -8.49
C GLN A 45 2.00 -21.74 -9.29
N ALA A 46 0.99 -22.28 -8.61
CA ALA A 46 -0.04 -23.04 -9.31
C ALA A 46 -0.83 -22.15 -10.27
N LEU A 47 -1.15 -20.91 -9.84
CA LEU A 47 -1.86 -19.99 -10.73
C LEU A 47 -0.99 -19.67 -11.95
N ALA A 48 0.28 -19.37 -11.73
CA ALA A 48 1.18 -19.04 -12.84
C ALA A 48 1.29 -20.20 -13.82
N GLU A 49 1.45 -21.40 -13.29
CA GLU A 49 1.62 -22.57 -14.14
C GLU A 49 0.31 -22.91 -14.86
N GLY A 50 -0.83 -22.49 -14.30
CA GLY A 50 -2.12 -22.65 -14.95
C GLY A 50 -2.20 -21.98 -16.31
N PHE A 51 -1.33 -21.01 -16.57
CA PHE A 51 -1.27 -20.36 -17.90
C PHE A 51 -1.07 -21.43 -18.98
N GLU A 52 -0.37 -22.49 -18.62
CA GLU A 52 -0.02 -23.54 -19.59
C GLU A 52 -1.22 -24.37 -20.02
N LYS A 53 -2.31 -24.36 -19.24
CA LYS A 53 -3.54 -25.06 -19.63
C LYS A 53 -4.07 -24.52 -20.95
N GLU A 54 -4.20 -23.19 -21.07
CA GLU A 54 -4.68 -22.62 -22.31
C GLU A 54 -3.56 -22.33 -23.31
N HIS A 55 -2.30 -22.48 -22.88
CA HIS A 55 -1.13 -22.26 -23.77
C HIS A 55 -0.05 -23.33 -23.57
N PRO A 56 -0.34 -24.57 -24.01
CA PRO A 56 0.54 -25.69 -23.67
C PRO A 56 1.96 -25.65 -24.23
N LYS A 57 2.19 -24.78 -25.21
CA LYS A 57 3.52 -24.66 -25.81
C LYS A 57 4.39 -23.60 -25.10
N VAL A 58 3.80 -22.90 -24.14
CA VAL A 58 4.58 -21.98 -23.30
C VAL A 58 5.09 -22.69 -22.05
N ASP A 59 6.38 -22.52 -21.77
CA ASP A 59 6.99 -23.04 -20.56
C ASP A 59 7.02 -21.89 -19.54
N VAL A 60 6.12 -21.94 -18.56
CA VAL A 60 6.17 -20.99 -17.45
C VAL A 60 7.20 -21.44 -16.41
N LYS A 61 8.19 -20.60 -16.16
CA LYS A 61 9.21 -20.84 -15.14
C LYS A 61 8.97 -19.90 -13.97
N TYR A 62 8.29 -20.43 -12.96
CA TYR A 62 7.99 -19.70 -11.74
C TYR A 62 9.22 -19.65 -10.84
N VAL A 63 9.56 -18.46 -10.32
CA VAL A 63 10.61 -18.29 -9.33
C VAL A 63 10.08 -17.41 -8.21
N ASN A 64 10.22 -17.85 -6.96
CA ASN A 64 9.85 -16.99 -5.85
C ASN A 64 11.08 -16.25 -5.36
N VAL A 65 10.97 -14.93 -5.23
CA VAL A 65 12.06 -14.09 -4.77
C VAL A 65 11.53 -13.34 -3.53
N PRO A 66 12.23 -13.46 -2.39
CA PRO A 66 11.78 -12.75 -1.19
C PRO A 66 11.54 -11.28 -1.48
N PHE A 67 10.41 -10.75 -1.01
CA PHE A 67 10.01 -9.41 -1.45
C PHE A 67 11.10 -8.37 -1.17
N GLY A 68 11.78 -8.52 -0.04
CA GLY A 68 12.81 -7.54 0.37
C GLY A 68 14.10 -7.64 -0.40
N GLU A 69 14.21 -8.65 -1.27
CA GLU A 69 15.39 -8.83 -2.13
C GLU A 69 15.11 -8.55 -3.60
N ALA A 70 13.82 -8.47 -3.94
CA ALA A 70 13.40 -8.54 -5.35
C ALA A 70 13.78 -7.29 -6.16
N ASN A 71 13.67 -6.11 -5.54
CA ASN A 71 13.99 -4.87 -6.26
C ASN A 71 15.44 -4.87 -6.75
N ALA A 72 16.37 -5.14 -5.84
CA ALA A 72 17.78 -5.18 -6.19
C ALA A 72 18.10 -6.33 -7.15
N LYS A 73 17.49 -7.49 -6.94
CA LYS A 73 17.77 -8.64 -7.81
C LYS A 73 17.36 -8.32 -9.25
N PHE A 74 16.21 -7.66 -9.41
CA PHE A 74 15.71 -7.35 -10.75
C PHE A 74 16.59 -6.29 -11.39
N LYS A 75 16.93 -5.26 -10.64
CA LYS A 75 17.79 -4.22 -11.20
C LYS A 75 19.15 -4.76 -11.61
N ASN A 76 19.71 -5.64 -10.80
CA ASN A 76 21.01 -6.21 -11.11
C ASN A 76 21.00 -7.09 -12.35
N ALA A 77 19.94 -7.90 -12.49
CA ALA A 77 19.84 -8.77 -13.67
C ALA A 77 19.64 -7.94 -14.92
N ALA A 78 18.71 -6.99 -14.87
CA ALA A 78 18.49 -6.12 -16.03
C ALA A 78 19.73 -5.30 -16.39
N GLY A 79 20.37 -4.74 -15.36
CA GLY A 79 21.57 -3.94 -15.60
C GLY A 79 22.75 -4.72 -16.15
N GLY A 80 22.76 -6.04 -15.93
CA GLY A 80 23.79 -6.89 -16.51
C GLY A 80 23.39 -7.56 -17.80
N ASN A 81 22.21 -7.20 -18.31
CA ASN A 81 21.68 -7.76 -19.55
C ASN A 81 21.67 -9.30 -19.54
N SER A 82 21.38 -9.90 -18.40
CA SER A 82 21.45 -11.36 -18.27
C SER A 82 20.65 -11.88 -17.08
N GLY A 83 19.82 -12.89 -17.33
CA GLY A 83 19.14 -13.56 -16.23
C GLY A 83 17.91 -12.82 -15.71
N ALA A 84 17.49 -11.75 -16.39
CA ALA A 84 16.29 -11.04 -15.97
C ALA A 84 15.05 -11.84 -16.31
N PRO A 85 14.01 -11.75 -15.49
CA PRO A 85 12.77 -12.48 -15.79
C PRO A 85 12.07 -11.81 -16.95
N ASP A 86 11.15 -12.54 -17.58
CA ASP A 86 10.26 -11.91 -18.56
C ASP A 86 9.19 -11.04 -17.87
N VAL A 87 8.65 -11.57 -16.75
CA VAL A 87 7.60 -10.91 -16.03
C VAL A 87 8.03 -10.76 -14.58
N MET A 88 7.85 -9.55 -14.06
CA MET A 88 8.29 -9.21 -12.70
C MET A 88 7.10 -8.74 -11.91
N ARG A 89 6.87 -9.34 -10.74
CA ARG A 89 5.86 -8.79 -9.81
C ARG A 89 6.43 -7.47 -9.23
N THR A 90 5.66 -6.39 -9.36
CA THR A 90 6.18 -5.04 -9.12
CA THR A 90 6.18 -5.07 -9.14
C THR A 90 5.34 -4.31 -8.09
N GLU A 91 5.95 -3.90 -6.97
CA GLU A 91 5.18 -3.16 -5.98
CA GLU A 91 5.20 -3.13 -5.97
C GLU A 91 4.72 -1.87 -6.65
N VAL A 92 3.65 -1.26 -6.15
CA VAL A 92 3.11 -0.08 -6.84
C VAL A 92 4.18 1.01 -7.10
N ALA A 93 5.06 1.27 -6.14
CA ALA A 93 6.10 2.30 -6.31
C ALA A 93 7.21 1.82 -7.25
N TRP A 94 7.36 0.50 -7.40
CA TRP A 94 8.44 -0.03 -8.21
C TRP A 94 8.18 0.16 -9.71
N VAL A 95 6.92 0.37 -10.11
CA VAL A 95 6.66 0.59 -11.53
C VAL A 95 7.45 1.79 -12.03
N ALA A 96 7.31 2.94 -11.38
CA ALA A 96 8.05 4.13 -11.81
C ALA A 96 9.54 3.97 -11.55
N ASP A 97 9.92 3.28 -10.47
CA ASP A 97 11.32 3.02 -10.16
C ASP A 97 11.95 2.30 -11.36
N PHE A 98 11.41 1.14 -11.73
CA PHE A 98 12.00 0.34 -12.82
C PHE A 98 11.82 1.03 -14.17
N ALA A 99 10.67 1.66 -14.42
CA ALA A 99 10.46 2.27 -15.74
C ALA A 99 11.40 3.46 -15.93
N SER A 100 11.67 4.21 -14.86
CA SER A 100 12.51 5.38 -14.94
C SER A 100 13.94 5.07 -15.33
N ILE A 101 14.35 3.82 -15.17
CA ILE A 101 15.70 3.38 -15.56
C ILE A 101 15.69 2.41 -16.74
N GLY A 102 14.58 2.41 -17.46
CA GLY A 102 14.54 1.77 -18.78
C GLY A 102 14.30 0.27 -18.74
N TYR A 103 13.89 -0.29 -17.60
CA TYR A 103 13.81 -1.76 -17.51
C TYR A 103 12.44 -2.39 -17.77
N LEU A 104 11.42 -1.57 -18.01
CA LEU A 104 10.08 -2.10 -18.28
C LEU A 104 9.61 -1.85 -19.69
N ALA A 105 8.99 -2.87 -20.27
CA ALA A 105 8.39 -2.73 -21.61
C ALA A 105 7.13 -1.90 -21.53
N PRO A 106 6.93 -0.94 -22.45
CA PRO A 106 5.64 -0.23 -22.43
C PRO A 106 4.52 -1.13 -22.95
N LEU A 107 3.33 -1.00 -22.39
CA LEU A 107 2.25 -1.92 -22.68
C LEU A 107 1.14 -1.28 -23.48
N ASP A 108 1.17 0.04 -23.68
CA ASP A 108 0.12 0.67 -24.51
C ASP A 108 0.15 0.12 -25.90
N GLY A 109 -1.03 -0.13 -26.45
CA GLY A 109 -1.12 -0.66 -27.81
C GLY A 109 -0.59 -2.08 -27.89
N THR A 110 -0.67 -2.83 -26.79
CA THR A 110 -0.32 -4.24 -26.77
C THR A 110 -1.45 -5.05 -26.22
N PRO A 111 -1.48 -6.34 -26.53
CA PRO A 111 -2.54 -7.23 -26.06
C PRO A 111 -2.49 -7.41 -24.55
N ALA A 112 -1.50 -6.90 -23.82
CA ALA A 112 -1.45 -7.05 -22.35
C ALA A 112 -2.61 -6.37 -21.61
N LEU A 113 -3.13 -5.31 -22.20
CA LEU A 113 -4.05 -4.43 -21.55
C LEU A 113 -5.50 -4.77 -21.85
N ASP A 114 -5.75 -5.84 -22.51
CA ASP A 114 -7.13 -6.21 -22.90
C ASP A 114 -8.21 -6.18 -21.77
N ASP A 115 -7.89 -6.41 -20.51
CA ASP A 115 -8.95 -6.18 -19.53
C ASP A 115 -8.80 -4.79 -18.90
N GLY A 116 -9.72 -3.86 -19.20
CA GLY A 116 -9.29 -2.46 -19.06
C GLY A 116 -9.81 -1.50 -17.98
N SER A 117 -11.11 -1.22 -17.96
CA SER A 117 -11.75 -0.20 -17.10
C SER A 117 -12.28 -0.75 -15.80
N ASP A 118 -12.15 -2.04 -15.68
CA ASP A 118 -12.56 -2.78 -14.53
C ASP A 118 -11.71 -2.41 -13.29
N HIS A 119 -10.49 -1.95 -13.47
CA HIS A 119 -9.64 -1.78 -12.27
C HIS A 119 -10.00 -0.54 -11.46
N LEU A 120 -9.87 -0.66 -10.14
CA LEU A 120 -9.97 0.49 -9.26
C LEU A 120 -9.08 1.62 -9.78
N PRO A 121 -9.55 2.87 -9.70
CA PRO A 121 -8.81 3.95 -10.38
C PRO A 121 -7.38 4.13 -9.85
N GLN A 122 -7.20 3.96 -8.54
CA GLN A 122 -5.88 4.12 -7.98
C GLN A 122 -4.93 3.02 -8.49
N ALA A 123 -5.46 1.79 -8.57
CA ALA A 123 -4.67 0.67 -9.05
C ALA A 123 -4.28 0.86 -10.51
N ALA A 124 -5.23 1.29 -11.34
CA ALA A 124 -4.88 1.62 -12.73
C ALA A 124 -3.83 2.71 -12.81
N ALA A 125 -3.98 3.75 -11.99
CA ALA A 125 -3.03 4.85 -12.05
C ALA A 125 -1.61 4.42 -11.69
N SER A 126 -1.49 3.46 -10.77
CA SER A 126 -0.16 2.99 -10.33
C SER A 126 0.62 2.29 -11.46
N THR A 127 -0.06 1.95 -12.57
CA THR A 127 0.61 1.27 -13.68
C THR A 127 1.25 2.22 -14.68
N ARG A 128 1.06 3.53 -14.49
CA ARG A 128 1.49 4.53 -15.49
C ARG A 128 2.67 5.32 -15.02
N TYR A 129 3.53 5.67 -15.96
CA TYR A 129 4.71 6.48 -15.67
C TYR A 129 4.90 7.38 -16.87
N GLU A 130 4.82 8.69 -16.61
CA GLU A 130 5.02 9.73 -17.62
C GLU A 130 4.23 9.44 -18.89
N GLY A 131 2.96 9.16 -18.70
CA GLY A 131 2.03 9.06 -19.82
C GLY A 131 2.05 7.73 -20.56
N LYS A 132 2.79 6.73 -20.07
CA LYS A 132 2.76 5.38 -20.67
C LYS A 132 2.46 4.34 -19.60
N THR A 133 1.94 3.19 -20.03
CA THR A 133 1.56 2.11 -19.11
C THR A 133 2.68 1.09 -19.10
N TYR A 134 3.16 0.72 -17.89
CA TYR A 134 4.23 -0.23 -17.74
C TYR A 134 3.87 -1.42 -16.86
N ALA A 135 2.59 -1.58 -16.54
CA ALA A 135 2.19 -2.71 -15.70
C ALA A 135 0.72 -2.95 -15.88
N VAL A 136 0.26 -4.06 -15.31
CA VAL A 136 -1.17 -4.32 -15.09
C VAL A 136 -1.37 -4.57 -13.58
N PRO A 137 -2.53 -4.16 -13.05
CA PRO A 137 -2.74 -4.30 -11.59
C PRO A 137 -3.00 -5.72 -11.17
N GLN A 138 -2.60 -6.04 -9.95
CA GLN A 138 -2.80 -7.38 -9.40
C GLN A 138 -3.56 -7.34 -8.07
N VAL A 139 -2.97 -6.74 -7.02
CA VAL A 139 -3.66 -6.63 -5.73
C VAL A 139 -3.43 -5.24 -5.15
N ILE A 140 -4.34 -4.82 -4.28
CA ILE A 140 -4.24 -3.51 -3.60
C ILE A 140 -4.31 -3.69 -2.10
N ASP A 141 -3.68 -2.77 -1.37
CA ASP A 141 -3.95 -2.70 0.05
C ASP A 141 -3.79 -1.25 0.51
N THR A 142 -4.07 -1.02 1.79
CA THR A 142 -4.00 0.33 2.35
C THR A 142 -3.98 0.20 3.87
N LEU A 143 -3.94 1.35 4.53
CA LEU A 143 -4.07 1.42 5.99
C LEU A 143 -5.51 1.69 6.38
N ALA A 144 -5.87 1.26 7.60
CA ALA A 144 -7.22 1.34 8.08
C ALA A 144 -7.20 1.51 9.60
N LEU A 145 -8.30 2.00 10.15
CA LEU A 145 -8.42 2.12 11.60
C LEU A 145 -8.95 0.80 12.19
N PHE A 146 -8.10 0.10 12.94
CA PHE A 146 -8.51 -1.08 13.69
C PHE A 146 -9.06 -0.64 15.04
N TYR A 147 -10.11 -1.28 15.51
CA TYR A 147 -10.67 -0.93 16.81
C TYR A 147 -11.12 -2.16 17.58
N ASN A 148 -11.01 -2.05 18.90
CA ASN A 148 -11.47 -3.05 19.85
C ASN A 148 -12.95 -2.77 20.13
N LYS A 149 -13.81 -3.67 19.62
CA LYS A 149 -15.25 -3.41 19.72
C LYS A 149 -15.72 -3.33 21.16
N GLU A 150 -15.21 -4.21 22.02
CA GLU A 150 -15.66 -4.24 23.41
C GLU A 150 -15.26 -2.97 24.14
N LEU A 151 -14.05 -2.45 23.90
CA LEU A 151 -13.67 -1.21 24.58
C LEU A 151 -14.51 -0.04 24.10
N LEU A 152 -14.78 0.03 22.81
CA LEU A 152 -15.63 1.12 22.34
C LEU A 152 -17.06 0.99 22.86
N THR A 153 -17.55 -0.25 22.92
CA THR A 153 -18.91 -0.50 23.40
C THR A 153 -18.99 -0.16 24.87
N LYS A 154 -18.00 -0.59 25.67
CA LYS A 154 -18.01 -0.29 27.08
C LYS A 154 -18.00 1.22 27.29
N ALA A 155 -17.26 1.95 26.46
CA ALA A 155 -17.15 3.41 26.59
C ALA A 155 -18.38 4.13 26.02
N GLY A 156 -19.20 3.43 25.24
CA GLY A 156 -20.40 4.03 24.64
C GLY A 156 -20.17 4.86 23.39
N VAL A 157 -19.04 4.66 22.72
CA VAL A 157 -18.71 5.54 21.61
C VAL A 157 -18.84 4.85 20.27
N GLU A 158 -19.07 5.65 19.22
CA GLU A 158 -19.04 5.17 17.85
C GLU A 158 -17.61 5.19 17.35
N VAL A 159 -17.34 4.38 16.33
CA VAL A 159 -16.05 4.44 15.64
C VAL A 159 -15.85 5.86 15.11
N PRO A 160 -14.74 6.52 15.47
CA PRO A 160 -14.58 7.90 15.00
C PRO A 160 -14.30 8.02 13.51
N GLY A 161 -14.90 9.04 12.90
CA GLY A 161 -14.75 9.28 11.48
C GLY A 161 -13.78 10.40 11.16
N SER A 162 -13.29 11.09 12.18
CA SER A 162 -12.36 12.21 12.02
C SER A 162 -11.45 12.30 13.24
N VAL A 163 -10.38 13.04 13.10
CA VAL A 163 -9.50 13.28 14.23
C VAL A 163 -10.23 13.97 15.39
N ALA A 164 -11.07 14.96 15.11
CA ALA A 164 -11.82 15.59 16.18
C ALA A 164 -12.67 14.58 16.93
N GLU A 165 -13.36 13.73 16.20
CA GLU A 165 -14.17 12.69 16.84
C GLU A 165 -13.31 11.69 17.58
N LEU A 166 -12.14 11.38 17.03
CA LEU A 166 -11.25 10.42 17.69
C LEU A 166 -10.78 10.95 19.02
N LYS A 167 -10.46 12.24 19.09
CA LYS A 167 -10.03 12.81 20.38
C LYS A 167 -11.09 12.66 21.45
N THR A 168 -12.33 12.93 21.07
CA THR A 168 -13.44 12.80 22.02
C THR A 168 -13.61 11.32 22.40
N ALA A 169 -13.59 10.45 21.41
CA ALA A 169 -13.77 9.04 21.71
C ALA A 169 -12.67 8.53 22.62
N ALA A 170 -11.43 8.95 22.36
CA ALA A 170 -10.31 8.55 23.18
C ALA A 170 -10.49 8.96 24.64
N ALA A 171 -10.94 10.18 24.87
CA ALA A 171 -11.16 10.63 26.24
C ALA A 171 -12.23 9.81 26.93
N GLU A 172 -13.30 9.42 26.21
CA GLU A 172 -14.34 8.58 26.78
C GLU A 172 -13.81 7.18 27.10
N ILE A 173 -13.01 6.63 26.18
CA ILE A 173 -12.42 5.32 26.37
C ILE A 173 -11.52 5.35 27.60
N THR A 174 -10.67 6.35 27.73
CA THR A 174 -9.79 6.41 28.90
C THR A 174 -10.61 6.53 30.19
N GLU A 175 -11.63 7.39 30.21
CA GLU A 175 -12.40 7.56 31.44
C GLU A 175 -13.05 6.26 31.86
N LYS A 176 -13.61 5.55 30.91
CA LYS A 176 -14.43 4.36 31.21
C LYS A 176 -13.63 3.10 31.46
N THR A 177 -12.49 2.96 30.78
CA THR A 177 -11.76 1.69 30.73
C THR A 177 -10.29 1.82 31.15
N GLY A 178 -9.76 3.03 31.20
CA GLY A 178 -8.34 3.22 31.44
C GLY A 178 -7.47 3.09 30.19
N ALA A 179 -7.98 2.50 29.11
CA ALA A 179 -7.18 2.38 27.88
C ALA A 179 -6.97 3.73 27.25
N THR A 180 -5.82 3.90 26.60
CA THR A 180 -5.62 5.06 25.73
C THR A 180 -6.41 4.85 24.42
N GLY A 181 -6.91 5.92 23.83
CA GLY A 181 -7.66 5.75 22.57
C GLY A 181 -6.89 5.08 21.45
N LEU A 182 -5.72 5.65 21.12
CA LEU A 182 -5.04 5.31 19.88
C LEU A 182 -3.56 5.02 20.12
N TYR A 183 -3.03 4.00 19.45
CA TYR A 183 -1.58 3.90 19.28
C TYR A 183 -1.22 4.56 17.98
N LEU A 184 -0.45 5.65 18.03
CA LEU A 184 -0.06 6.39 16.84
C LEU A 184 1.34 5.93 16.49
N ARG A 185 1.49 5.28 15.34
CA ARG A 185 2.80 4.78 14.94
C ARG A 185 3.71 5.96 14.62
N GLY A 186 4.81 6.09 15.35
CA GLY A 186 5.63 7.28 15.23
C GLY A 186 6.95 7.10 14.50
N ASP A 187 7.30 5.86 14.15
CA ASP A 187 8.66 5.60 13.66
C ASP A 187 8.66 5.10 12.23
N ASP A 188 7.52 5.16 11.54
CA ASP A 188 7.45 4.68 10.16
C ASP A 188 6.64 5.70 9.35
N PRO A 189 7.24 6.26 8.28
CA PRO A 189 6.65 7.41 7.61
C PRO A 189 5.38 7.05 6.85
N TYR A 190 5.16 5.77 6.53
CA TYR A 190 3.93 5.42 5.82
C TYR A 190 2.70 5.77 6.67
N TRP A 191 2.87 5.71 8.00
CA TRP A 191 1.79 6.04 8.93
C TRP A 191 1.57 7.52 9.12
N PHE A 192 2.44 8.37 8.58
CA PHE A 192 2.13 9.79 8.57
C PHE A 192 1.09 10.15 7.52
N LEU A 193 1.08 9.37 6.42
CA LEU A 193 0.32 9.79 5.26
C LEU A 193 -1.18 9.95 5.50
N PRO A 194 -1.83 9.08 6.30
CA PRO A 194 -3.25 9.37 6.58
C PRO A 194 -3.51 10.76 7.17
N TYR A 195 -2.60 11.21 8.03
CA TYR A 195 -2.75 12.55 8.61
C TYR A 195 -2.55 13.66 7.59
N LEU A 196 -1.58 13.46 6.69
CA LEU A 196 -1.36 14.42 5.62
C LEU A 196 -2.60 14.49 4.71
N TYR A 197 -3.11 13.34 4.29
CA TYR A 197 -4.29 13.31 3.42
C TYR A 197 -5.50 13.87 4.17
N GLY A 198 -5.56 13.62 5.48
CA GLY A 198 -6.68 14.13 6.27
C GLY A 198 -6.72 15.66 6.32
N GLU A 199 -5.55 16.29 6.13
CA GLU A 199 -5.49 17.75 6.07
C GLU A 199 -5.62 18.27 4.65
N GLY A 200 -5.94 17.39 3.72
CA GLY A 200 -6.09 17.76 2.32
C GLY A 200 -4.77 17.96 1.63
N GLY A 201 -3.71 17.42 2.21
CA GLY A 201 -2.36 17.61 1.68
C GLY A 201 -1.84 16.47 0.84
N ASP A 202 -0.66 16.64 0.26
CA ASP A 202 -0.01 15.61 -0.53
C ASP A 202 1.47 15.96 -0.65
N LEU A 203 2.24 15.03 -1.17
CA LEU A 203 3.69 15.14 -1.19
C LEU A 203 4.17 16.10 -2.27
N VAL A 204 3.76 15.84 -3.50
CA VAL A 204 4.12 16.66 -4.64
C VAL A 204 2.97 16.76 -5.62
N ASP A 205 3.03 17.81 -6.43
CA ASP A 205 2.16 17.94 -7.59
C ASP A 205 3.03 17.59 -8.82
N GLU A 206 2.92 16.36 -9.31
CA GLU A 206 3.71 15.92 -10.46
C GLU A 206 3.44 16.80 -11.67
N LYS A 207 2.14 17.00 -11.94
CA LYS A 207 1.69 17.74 -13.13
C LYS A 207 2.39 19.08 -13.24
N ASN A 208 2.48 19.81 -12.13
CA ASN A 208 3.10 21.13 -12.12
C ASN A 208 4.52 21.13 -11.57
N LYS A 209 5.09 19.94 -11.37
CA LYS A 209 6.43 19.77 -10.80
C LYS A 209 6.65 20.72 -9.62
N THR A 210 5.76 20.61 -8.63
CA THR A 210 5.80 21.47 -7.45
CA THR A 210 5.89 21.44 -7.44
C THR A 210 5.78 20.61 -6.19
N VAL A 211 6.68 20.89 -5.24
CA VAL A 211 6.65 20.27 -3.93
C VAL A 211 5.50 20.88 -3.13
N THR A 212 4.65 20.04 -2.55
CA THR A 212 3.49 20.51 -1.80
C THR A 212 3.48 20.07 -0.33
N VAL A 213 4.42 19.23 0.08
CA VAL A 213 4.44 18.70 1.46
C VAL A 213 4.61 19.79 2.52
N ASP A 214 5.15 20.94 2.09
CA ASP A 214 5.37 22.06 3.02
C ASP A 214 4.34 23.17 2.87
N ASP A 215 3.23 22.92 2.18
CA ASP A 215 2.15 23.90 2.25
CA ASP A 215 2.01 23.74 2.18
C ASP A 215 1.46 23.77 3.61
N GLU A 216 0.44 24.59 3.84
CA GLU A 216 -0.12 24.62 5.18
C GLU A 216 -0.73 23.29 5.60
N ALA A 217 -1.25 22.52 4.65
CA ALA A 217 -1.77 21.19 4.99
C ALA A 217 -0.69 20.31 5.59
N GLY A 218 0.54 20.39 5.09
CA GLY A 218 1.63 19.61 5.64
C GLY A 218 2.01 20.04 7.04
N VAL A 219 2.03 21.36 7.26
CA VAL A 219 2.29 21.86 8.61
C VAL A 219 1.22 21.35 9.56
N ARG A 220 -0.05 21.46 9.14
CA ARG A 220 -1.15 20.99 9.98
C ARG A 220 -1.03 19.50 10.27
N ALA A 221 -0.57 18.70 9.31
CA ALA A 221 -0.45 17.27 9.56
C ALA A 221 0.58 16.96 10.65
N TYR A 222 1.75 17.62 10.60
CA TYR A 222 2.68 17.46 11.69
C TYR A 222 2.10 17.93 13.03
N ARG A 223 1.32 19.02 13.00
CA ARG A 223 0.68 19.50 14.23
C ARG A 223 -0.33 18.48 14.77
N VAL A 224 -1.09 17.84 13.90
CA VAL A 224 -2.11 16.86 14.34
C VAL A 224 -1.47 15.71 15.08
N ILE A 225 -0.36 15.18 14.59
CA ILE A 225 0.20 14.02 15.26
C ILE A 225 0.73 14.38 16.64
N LYS A 226 1.35 15.56 16.75
CA LYS A 226 1.83 15.98 18.07
C LYS A 226 0.68 16.28 19.03
N ASP A 227 -0.38 16.87 18.54
CA ASP A 227 -1.55 17.14 19.35
C ASP A 227 -2.17 15.83 19.84
N LEU A 228 -2.23 14.81 19.00
CA LEU A 228 -2.83 13.56 19.45
C LEU A 228 -2.08 12.98 20.64
N VAL A 229 -0.77 13.09 20.63
CA VAL A 229 0.01 12.58 21.75
C VAL A 229 -0.03 13.55 22.95
N ASP A 230 0.12 14.85 22.70
CA ASP A 230 0.11 15.82 23.82
C ASP A 230 -1.20 15.75 24.57
N SER A 231 -2.31 15.59 23.86
CA SER A 231 -3.64 15.59 24.48
C SER A 231 -3.95 14.29 25.17
N LYS A 232 -3.08 13.29 25.03
CA LYS A 232 -3.26 11.96 25.63
C LYS A 232 -4.26 11.08 24.90
N ALA A 233 -4.75 11.53 23.75
CA ALA A 233 -5.58 10.67 22.92
C ALA A 233 -4.80 9.48 22.39
N ALA A 234 -3.50 9.66 22.22
CA ALA A 234 -2.64 8.64 21.61
C ALA A 234 -1.36 8.51 22.38
N ILE A 235 -0.74 7.34 22.23
CA ILE A 235 0.63 7.14 22.68
C ILE A 235 1.47 6.70 21.47
N THR A 236 2.79 6.80 21.61
CA THR A 236 3.70 6.46 20.53
C THR A 236 5.05 6.05 21.09
N ASP A 237 5.95 5.64 20.21
CA ASP A 237 7.30 5.22 20.60
C ASP A 237 8.25 5.60 19.48
N ALA A 238 9.47 5.99 19.84
CA ALA A 238 10.47 6.35 18.84
C ALA A 238 11.17 5.15 18.23
N SER A 239 11.06 4.00 18.89
CA SER A 239 11.74 2.79 18.44
CA SER A 239 11.70 2.79 18.36
C SER A 239 10.79 1.61 18.54
N ASP A 240 11.08 0.56 17.78
CA ASP A 240 10.34 -0.71 17.87
C ASP A 240 8.83 -0.47 17.69
N GLY A 241 8.46 0.45 16.80
CA GLY A 241 7.06 0.84 16.69
C GLY A 241 6.13 -0.25 16.29
N TRP A 242 6.57 -1.17 15.41
CA TRP A 242 5.70 -2.26 15.01
C TRP A 242 5.31 -3.12 16.24
N ASN A 243 6.30 -3.59 16.98
CA ASN A 243 6.01 -4.43 18.13
C ASN A 243 5.28 -3.65 19.18
N ASN A 244 5.67 -2.40 19.42
CA ASN A 244 4.99 -1.63 20.44
C ASN A 244 3.51 -1.42 20.08
N MET A 245 3.23 -1.14 18.82
CA MET A 245 1.86 -0.93 18.38
C MET A 245 1.05 -2.22 18.51
N GLN A 246 1.57 -3.32 17.97
CA GLN A 246 0.86 -4.60 18.06
C GLN A 246 0.64 -5.01 19.50
N ASN A 247 1.63 -4.85 20.35
CA ASN A 247 1.47 -5.26 21.74
C ASN A 247 0.43 -4.40 22.42
N ALA A 248 0.44 -3.10 22.14
CA ALA A 248 -0.52 -2.18 22.76
C ALA A 248 -1.93 -2.53 22.33
N PHE A 249 -2.13 -2.81 21.05
CA PHE A 249 -3.48 -3.07 20.58
C PHE A 249 -3.96 -4.46 21.02
N LYS A 250 -3.11 -5.46 20.90
CA LYS A 250 -3.49 -6.82 21.29
C LYS A 250 -3.83 -6.95 22.75
N SER A 251 -3.18 -6.14 23.58
CA SER A 251 -3.39 -6.20 25.02
C SER A 251 -4.49 -5.26 25.52
N GLY A 252 -4.97 -4.35 24.69
CA GLY A 252 -5.95 -3.38 25.17
C GLY A 252 -5.37 -2.18 25.89
N LYS A 253 -4.06 -2.01 25.85
CA LYS A 253 -3.48 -0.75 26.32
C LYS A 253 -4.04 0.44 25.51
N VAL A 254 -4.28 0.19 24.22
CA VAL A 254 -5.03 1.14 23.40
C VAL A 254 -6.26 0.45 22.83
N ALA A 255 -7.25 1.26 22.43
CA ALA A 255 -8.45 0.73 21.81
C ALA A 255 -8.42 0.72 20.29
N MET A 256 -7.47 1.46 19.71
CA MET A 256 -7.41 1.69 18.24
C MET A 256 -5.99 1.75 17.79
N MET A 257 -5.76 1.39 16.53
CA MET A 257 -4.45 1.61 15.89
C MET A 257 -4.76 1.73 14.40
N VAL A 258 -3.81 2.23 13.63
CA VAL A 258 -3.93 2.21 12.17
C VAL A 258 -2.99 1.12 11.64
N ASN A 259 -3.49 0.31 10.72
CA ASN A 259 -2.67 -0.81 10.26
C ASN A 259 -3.23 -1.37 8.97
N GLY A 260 -2.55 -2.36 8.41
CA GLY A 260 -2.97 -2.93 7.14
C GLY A 260 -3.35 -4.39 7.26
N PRO A 261 -3.73 -5.00 6.14
CA PRO A 261 -4.17 -6.41 6.14
C PRO A 261 -3.14 -7.36 6.71
N TRP A 262 -1.87 -7.02 6.55
CA TRP A 262 -0.77 -7.85 7.04
C TRP A 262 -0.79 -8.01 8.58
N ALA A 263 -1.56 -7.19 9.27
CA ALA A 263 -1.65 -7.25 10.75
C ALA A 263 -2.75 -8.15 11.31
N ILE A 264 -3.70 -8.52 10.46
CA ILE A 264 -4.93 -9.19 10.93
C ILE A 264 -4.65 -10.50 11.67
N GLU A 265 -3.82 -11.36 11.11
CA GLU A 265 -3.59 -12.64 11.78
C GLU A 265 -2.90 -12.43 13.14
N ASP A 266 -1.93 -11.53 13.21
CA ASP A 266 -1.30 -11.26 14.48
C ASP A 266 -2.31 -10.73 15.51
N VAL A 267 -3.19 -9.84 15.07
CA VAL A 267 -4.19 -9.28 16.01
C VAL A 267 -5.06 -10.41 16.55
N LYS A 268 -5.46 -11.33 15.68
CA LYS A 268 -6.31 -12.44 16.10
C LYS A 268 -5.64 -13.37 17.10
N ALA A 269 -4.32 -13.30 17.21
CA ALA A 269 -3.60 -14.07 18.23
C ALA A 269 -3.49 -13.31 19.56
N GLY A 270 -4.03 -12.09 19.60
CA GLY A 270 -3.92 -11.22 20.78
C GLY A 270 -4.87 -11.57 21.89
N ALA A 271 -4.50 -11.21 23.11
CA ALA A 271 -5.26 -11.63 24.27
C ALA A 271 -6.66 -11.06 24.31
N ARG A 272 -6.89 -9.91 23.68
CA ARG A 272 -8.25 -9.34 23.68
C ARG A 272 -9.05 -9.73 22.45
N PHE A 273 -8.50 -10.63 21.63
CA PHE A 273 -9.15 -11.03 20.37
C PHE A 273 -9.32 -12.53 20.18
N LYS A 274 -9.39 -13.25 21.30
CA LYS A 274 -9.78 -14.66 21.27
C LYS A 274 -11.05 -14.84 20.42
N ASP A 275 -12.01 -13.94 20.60
CA ASP A 275 -13.17 -13.82 19.72
C ASP A 275 -12.81 -12.81 18.64
N ALA A 276 -12.57 -13.28 17.40
CA ALA A 276 -12.25 -12.40 16.27
C ALA A 276 -13.36 -11.39 16.00
N GLY A 277 -14.57 -11.72 16.46
CA GLY A 277 -15.69 -10.80 16.41
C GLY A 277 -15.51 -9.56 17.28
N ASN A 278 -14.42 -9.49 18.05
CA ASN A 278 -14.09 -8.27 18.78
C ASN A 278 -13.27 -7.27 17.96
N LEU A 279 -12.86 -7.64 16.77
CA LEU A 279 -12.08 -6.74 15.92
C LEU A 279 -12.95 -6.04 14.91
N GLY A 280 -12.86 -4.72 14.88
CA GLY A 280 -13.47 -3.95 13.81
C GLY A 280 -12.40 -3.26 13.01
N VAL A 281 -12.71 -3.00 11.74
CA VAL A 281 -11.82 -2.24 10.87
C VAL A 281 -12.66 -1.21 10.13
N ALA A 282 -12.17 0.02 10.10
CA ALA A 282 -12.86 1.14 9.45
C ALA A 282 -11.83 1.92 8.62
N PRO A 283 -12.29 2.83 7.74
CA PRO A 283 -11.33 3.69 7.07
C PRO A 283 -10.56 4.53 8.08
N VAL A 284 -9.36 4.96 7.71
CA VAL A 284 -8.68 5.93 8.56
C VAL A 284 -9.55 7.18 8.76
N PRO A 285 -9.41 7.84 9.90
CA PRO A 285 -10.24 9.03 10.10
C PRO A 285 -9.88 10.20 9.19
N ALA A 286 -10.87 10.99 8.85
CA ALA A 286 -10.68 12.29 8.21
C ALA A 286 -9.88 13.22 9.10
N GLY A 287 -9.28 14.24 8.48
CA GLY A 287 -8.73 15.37 9.22
C GLY A 287 -9.61 16.57 8.94
N SER A 288 -9.01 17.75 9.00
CA SER A 288 -9.80 18.98 8.89
C SER A 288 -10.24 19.26 7.47
N ALA A 289 -9.61 18.65 6.48
CA ALA A 289 -9.83 19.05 5.08
C ALA A 289 -9.74 17.90 4.07
N GLY A 290 -9.91 16.67 4.54
CA GLY A 290 -9.80 15.52 3.66
C GLY A 290 -9.86 14.21 4.42
N GLN A 291 -9.78 13.12 3.69
CA GLN A 291 -9.75 11.80 4.27
C GLN A 291 -9.11 10.88 3.28
N GLY A 292 -8.07 10.19 3.69
CA GLY A 292 -7.46 9.24 2.79
C GLY A 292 -6.36 8.45 3.45
N SER A 293 -6.05 7.30 2.85
CA SER A 293 -5.03 6.40 3.33
C SER A 293 -4.08 6.07 2.19
N PRO A 294 -2.82 5.80 2.47
CA PRO A 294 -1.89 5.55 1.38
C PRO A 294 -2.14 4.21 0.69
N GLN A 295 -1.68 4.12 -0.55
CA GLN A 295 -1.96 2.97 -1.40
C GLN A 295 -0.77 2.04 -1.50
N GLY A 296 -1.00 0.76 -1.26
CA GLY A 296 0.00 -0.27 -1.51
C GLY A 296 -0.54 -1.31 -2.48
N GLY A 297 0.24 -2.37 -2.62
CA GLY A 297 -0.16 -3.48 -3.47
C GLY A 297 0.89 -3.83 -4.50
N TRP A 298 0.47 -4.66 -5.44
CA TRP A 298 1.38 -5.25 -6.44
C TRP A 298 0.72 -5.20 -7.79
N ASN A 299 1.58 -5.04 -8.79
CA ASN A 299 1.27 -5.06 -10.20
C ASN A 299 2.15 -6.12 -10.85
N LEU A 300 1.94 -6.31 -12.15
CA LEU A 300 2.79 -7.19 -12.97
C LEU A 300 3.32 -6.41 -14.15
N SER A 301 4.62 -6.51 -14.36
CA SER A 301 5.30 -5.79 -15.44
CA SER A 301 5.28 -5.78 -15.44
C SER A 301 6.11 -6.73 -16.29
N VAL A 302 6.41 -6.31 -17.49
CA VAL A 302 7.17 -7.08 -18.46
C VAL A 302 8.54 -6.42 -18.59
N TYR A 303 9.59 -7.23 -18.50
CA TYR A 303 10.95 -6.73 -18.67
C TYR A 303 11.17 -6.21 -20.08
N ALA A 304 11.76 -5.02 -20.18
CA ALA A 304 11.96 -4.37 -21.48
C ALA A 304 12.74 -5.23 -22.44
N GLY A 305 13.71 -5.99 -21.95
CA GLY A 305 14.59 -6.81 -22.80
C GLY A 305 14.10 -8.24 -22.98
N SER A 306 12.85 -8.53 -22.61
CA SER A 306 12.31 -9.88 -22.77
C SER A 306 12.43 -10.36 -24.21
N LYS A 307 12.84 -11.61 -24.36
CA LYS A 307 12.87 -12.28 -25.67
C LYS A 307 11.57 -12.99 -25.97
N ASN A 308 10.58 -12.80 -25.12
CA ASN A 308 9.27 -13.36 -25.37
C ASN A 308 8.18 -12.39 -24.99
N LEU A 309 8.18 -11.25 -25.66
CA LEU A 309 7.21 -10.21 -25.33
C LEU A 309 5.80 -10.68 -25.54
N ASP A 310 5.52 -11.36 -26.64
CA ASP A 310 4.15 -11.70 -26.91
C ASP A 310 3.56 -12.65 -25.86
N ALA A 311 4.33 -13.66 -25.46
CA ALA A 311 3.81 -14.57 -24.44
C ALA A 311 3.71 -13.86 -23.09
N SER A 312 4.64 -12.93 -22.85
CA SER A 312 4.61 -12.16 -21.61
C SER A 312 3.40 -11.25 -21.53
N TYR A 313 3.02 -10.62 -22.64
CA TYR A 313 1.81 -9.80 -22.63
C TYR A 313 0.62 -10.67 -22.24
N ALA A 314 0.52 -11.86 -22.85
CA ALA A 314 -0.59 -12.74 -22.56
C ALA A 314 -0.54 -13.26 -21.11
N PHE A 315 0.67 -13.50 -20.60
CA PHE A 315 0.79 -13.98 -19.22
C PHE A 315 0.32 -12.92 -18.21
N VAL A 316 0.72 -11.67 -18.39
CA VAL A 316 0.28 -10.64 -17.44
C VAL A 316 -1.21 -10.39 -17.57
N LYS A 317 -1.76 -10.48 -18.77
CA LYS A 317 -3.20 -10.40 -18.93
C LYS A 317 -3.90 -11.52 -18.15
N TYR A 318 -3.41 -12.75 -18.30
CA TYR A 318 -3.93 -13.87 -17.55
C TYR A 318 -3.82 -13.66 -16.03
N MET A 319 -2.65 -13.27 -15.55
CA MET A 319 -2.52 -13.14 -14.11
C MET A 319 -3.32 -11.98 -13.54
N SER A 320 -3.61 -10.96 -14.35
CA SER A 320 -4.42 -9.80 -13.94
CA SER A 320 -4.42 -9.85 -13.87
C SER A 320 -5.92 -10.03 -14.14
N SER A 321 -6.27 -11.16 -14.75
CA SER A 321 -7.67 -11.42 -15.13
C SER A 321 -8.62 -11.56 -13.93
N ALA A 322 -9.89 -11.31 -14.17
CA ALA A 322 -10.87 -11.47 -13.11
C ALA A 322 -10.81 -12.87 -12.53
N LYS A 323 -10.70 -13.88 -13.39
CA LYS A 323 -10.68 -15.24 -12.89
C LYS A 323 -9.53 -15.48 -11.91
N VAL A 324 -8.33 -15.06 -12.29
CA VAL A 324 -7.18 -15.23 -11.40
C VAL A 324 -7.27 -14.37 -10.13
N GLN A 325 -7.76 -13.15 -10.23
CA GLN A 325 -7.94 -12.30 -9.05
C GLN A 325 -8.93 -12.91 -8.09
N GLN A 326 -9.99 -13.50 -8.61
CA GLN A 326 -10.97 -14.19 -7.75
C GLN A 326 -10.36 -15.36 -7.03
N GLN A 327 -9.65 -16.22 -7.76
CA GLN A 327 -8.98 -17.35 -7.11
C GLN A 327 -8.00 -16.89 -6.04
N THR A 328 -7.29 -15.78 -6.29
CA THR A 328 -6.33 -15.27 -5.34
C THR A 328 -7.04 -14.87 -4.04
N THR A 329 -8.16 -14.18 -4.13
CA THR A 329 -8.89 -13.84 -2.91
C THR A 329 -9.39 -15.09 -2.19
N GLU A 330 -9.96 -16.03 -2.94
CA GLU A 330 -10.55 -17.21 -2.31
C GLU A 330 -9.48 -18.00 -1.57
N LYS A 331 -8.29 -18.07 -2.12
CA LYS A 331 -7.22 -18.89 -1.54
C LYS A 331 -6.33 -18.16 -0.56
N LEU A 332 -6.12 -16.86 -0.79
CA LEU A 332 -5.12 -16.10 -0.04
C LEU A 332 -5.66 -14.86 0.65
N SER A 333 -6.88 -14.46 0.35
CA SER A 333 -7.52 -13.27 0.94
C SER A 333 -6.79 -11.97 0.60
N LEU A 334 -6.05 -11.95 -0.51
CA LEU A 334 -5.51 -10.69 -1.03
C LEU A 334 -6.59 -9.92 -1.74
N LEU A 335 -6.50 -8.61 -1.72
CA LEU A 335 -7.61 -7.79 -2.19
C LEU A 335 -7.47 -7.51 -3.70
N PRO A 336 -8.55 -7.79 -4.47
CA PRO A 336 -8.44 -7.59 -5.91
C PRO A 336 -8.42 -6.13 -6.34
N THR A 337 -7.95 -5.90 -7.56
CA THR A 337 -8.06 -4.57 -8.12
C THR A 337 -9.24 -4.41 -9.05
N ARG A 338 -9.83 -5.51 -9.49
CA ARG A 338 -10.96 -5.43 -10.44
C ARG A 338 -12.29 -5.24 -9.74
N THR A 339 -13.02 -4.20 -10.10
CA THR A 339 -14.26 -3.92 -9.42
C THR A 339 -15.25 -5.07 -9.55
N SER A 340 -15.24 -5.75 -10.69
CA SER A 340 -16.15 -6.86 -10.94
C SER A 340 -15.94 -8.00 -9.95
N VAL A 341 -14.69 -8.19 -9.53
CA VAL A 341 -14.39 -9.35 -8.69
C VAL A 341 -15.00 -9.20 -7.29
N TYR A 342 -15.16 -7.96 -6.83
CA TYR A 342 -15.81 -7.71 -5.54
C TYR A 342 -17.28 -8.10 -5.52
N GLU A 343 -17.89 -8.26 -6.69
CA GLU A 343 -19.27 -8.70 -6.76
C GLU A 343 -19.45 -10.21 -6.75
N VAL A 344 -18.37 -10.96 -6.83
CA VAL A 344 -18.44 -12.41 -6.74
C VAL A 344 -18.77 -12.77 -5.30
N PRO A 345 -19.81 -13.59 -5.07
CA PRO A 345 -20.25 -13.81 -3.69
C PRO A 345 -19.13 -14.26 -2.73
N SER A 346 -18.26 -15.14 -3.17
CA SER A 346 -17.17 -15.65 -2.33
C SER A 346 -16.10 -14.60 -2.04
N VAL A 347 -16.10 -13.54 -2.84
CA VAL A 347 -15.18 -12.41 -2.62
C VAL A 347 -15.83 -11.41 -1.69
N ALA A 348 -17.08 -11.07 -1.95
CA ALA A 348 -17.80 -10.12 -1.12
C ALA A 348 -17.89 -10.55 0.33
N ASP A 349 -17.95 -11.86 0.58
CA ASP A 349 -18.01 -12.35 1.96
C ASP A 349 -16.67 -12.79 2.54
N ASN A 350 -15.59 -12.54 1.82
CA ASN A 350 -14.26 -12.87 2.32
C ASN A 350 -13.93 -12.00 3.54
N GLU A 351 -13.33 -12.59 4.57
CA GLU A 351 -13.06 -11.84 5.81
C GLU A 351 -12.25 -10.54 5.56
N MET A 352 -11.23 -10.65 4.74
N MET A 352 -11.22 -10.66 4.73
CA MET A 352 -10.37 -9.49 4.49
CA MET A 352 -10.36 -9.50 4.46
C MET A 352 -11.05 -8.42 3.64
C MET A 352 -11.09 -8.43 3.67
N VAL A 353 -11.86 -8.85 2.66
CA VAL A 353 -12.63 -7.93 1.86
C VAL A 353 -13.63 -7.19 2.74
N LYS A 354 -14.26 -7.92 3.65
CA LYS A 354 -15.22 -7.30 4.57
C LYS A 354 -14.53 -6.26 5.46
N PHE A 355 -13.36 -6.62 5.98
CA PHE A 355 -12.62 -5.68 6.82
C PHE A 355 -12.14 -4.44 6.06
N PHE A 356 -11.65 -4.62 4.83
CA PHE A 356 -10.84 -3.57 4.17
C PHE A 356 -11.40 -2.84 3.00
N LYS A 357 -12.48 -3.32 2.39
CA LYS A 357 -12.93 -2.62 1.21
C LYS A 357 -13.30 -1.14 1.45
N PRO A 358 -14.02 -0.82 2.54
CA PRO A 358 -14.26 0.61 2.76
C PRO A 358 -12.97 1.42 2.90
N ALA A 359 -11.96 0.85 3.55
CA ALA A 359 -10.65 1.52 3.65
C ALA A 359 -10.00 1.69 2.27
N VAL A 360 -10.07 0.64 1.45
CA VAL A 360 -9.52 0.70 0.09
C VAL A 360 -10.19 1.83 -0.72
N ASP A 361 -11.48 2.08 -0.48
CA ASP A 361 -12.16 3.20 -1.14
C ASP A 361 -11.61 4.56 -0.74
N LYS A 362 -10.82 4.63 0.32
CA LYS A 362 -10.17 5.87 0.73
C LYS A 362 -8.74 5.96 0.26
N ALA A 363 -8.26 5.00 -0.52
CA ALA A 363 -6.85 5.02 -0.91
C ALA A 363 -6.51 6.25 -1.74
N VAL A 364 -5.32 6.78 -1.49
CA VAL A 364 -4.82 7.95 -2.22
C VAL A 364 -3.60 7.49 -2.98
N GLU A 365 -3.50 7.90 -4.25
CA GLU A 365 -2.39 7.50 -5.07
C GLU A 365 -1.07 8.02 -4.52
N ARG A 366 -0.02 7.26 -4.71
CA ARG A 366 1.35 7.76 -4.51
C ARG A 366 1.67 8.73 -5.65
N PRO A 367 2.74 9.54 -5.48
CA PRO A 367 3.29 10.19 -6.66
C PRO A 367 4.02 9.13 -7.48
N TRP A 368 3.65 9.02 -8.75
CA TRP A 368 4.14 7.93 -9.58
C TRP A 368 5.43 8.34 -10.28
N ILE A 369 6.45 8.60 -9.48
CA ILE A 369 7.71 9.17 -9.96
C ILE A 369 8.87 8.28 -9.55
N ALA A 370 10.01 8.44 -10.22
CA ALA A 370 11.19 7.63 -9.98
C ALA A 370 11.59 7.66 -8.51
N GLU A 371 11.46 8.83 -7.89
CA GLU A 371 11.91 9.06 -6.52
C GLU A 371 10.83 8.83 -5.49
N GLY A 372 9.72 8.20 -5.86
CA GLY A 372 8.61 8.05 -4.89
C GLY A 372 9.06 7.50 -3.55
N ASN A 373 9.85 6.45 -3.56
CA ASN A 373 10.25 5.83 -2.29
C ASN A 373 11.21 6.69 -1.49
N ALA A 374 12.00 7.51 -2.18
CA ALA A 374 12.95 8.41 -1.54
C ALA A 374 12.21 9.50 -0.75
N LEU A 375 10.94 9.71 -1.03
CA LEU A 375 10.16 10.75 -0.33
C LEU A 375 9.82 10.36 1.11
N PHE A 376 10.00 9.08 1.46
CA PHE A 376 9.61 8.64 2.81
C PHE A 376 10.62 9.01 3.88
N GLU A 377 11.92 8.97 3.58
CA GLU A 377 12.91 9.20 4.61
C GLU A 377 12.82 10.60 5.26
N PRO A 378 12.62 11.67 4.47
CA PRO A 378 12.48 12.98 5.13
C PRO A 378 11.29 13.05 6.07
N ILE A 379 10.19 12.41 5.68
CA ILE A 379 9.04 12.33 6.59
C ILE A 379 9.39 11.57 7.85
N ARG A 380 10.08 10.45 7.73
CA ARG A 380 10.41 9.65 8.89
C ARG A 380 11.20 10.51 9.89
N LEU A 381 12.23 11.19 9.40
CA LEU A 381 13.08 11.98 10.27
C LEU A 381 12.31 13.13 10.94
N GLN A 382 11.56 13.88 10.14
CA GLN A 382 10.85 15.00 10.65
C GLN A 382 9.70 14.62 11.55
N MET A 383 8.97 13.55 11.23
CA MET A 383 7.90 13.13 12.14
C MET A 383 8.48 12.70 13.49
N ALA A 384 9.61 11.99 13.48
CA ALA A 384 10.25 11.60 14.73
C ALA A 384 10.62 12.82 15.54
N ASN A 385 11.18 13.82 14.89
CA ASN A 385 11.65 15.00 15.59
C ASN A 385 10.50 15.87 16.10
N VAL A 386 9.35 15.84 15.40
CA VAL A 386 8.15 16.51 15.92
C VAL A 386 7.66 15.76 17.16
N LEU A 387 7.56 14.43 17.08
CA LEU A 387 6.99 13.67 18.20
C LEU A 387 7.86 13.74 19.45
N SER A 388 9.18 13.83 19.30
CA SER A 388 10.05 13.97 20.46
C SER A 388 10.08 15.39 21.02
N GLY A 389 9.52 16.36 20.30
CA GLY A 389 9.44 17.74 20.79
C GLY A 389 10.57 18.63 20.31
N GLU A 390 11.50 18.08 19.55
CA GLU A 390 12.66 18.83 19.09
C GLU A 390 12.33 19.87 18.04
N THR A 391 11.36 19.55 17.17
CA THR A 391 11.10 20.34 15.97
C THR A 391 9.63 20.69 15.91
N SER A 392 9.33 21.96 15.63
CA SER A 392 7.95 22.39 15.46
C SER A 392 7.37 21.89 14.13
N PRO A 393 6.06 21.76 14.05
CA PRO A 393 5.41 21.44 12.78
C PRO A 393 5.86 22.28 11.59
N ASP A 394 6.02 23.59 11.76
CA ASP A 394 6.37 24.40 10.60
C ASP A 394 7.78 24.08 10.14
N GLU A 395 8.73 23.96 11.07
CA GLU A 395 10.10 23.65 10.69
C GLU A 395 10.16 22.24 10.11
N ALA A 396 9.39 21.30 10.68
CA ALA A 396 9.36 19.94 10.13
C ALA A 396 8.89 19.94 8.69
N ALA A 397 7.82 20.67 8.41
CA ALA A 397 7.30 20.74 7.05
C ALA A 397 8.30 21.39 6.10
N ALA A 398 8.92 22.49 6.54
CA ALA A 398 9.95 23.16 5.75
C ALA A 398 11.14 22.24 5.46
N ASN A 399 11.57 21.49 6.48
CA ASN A 399 12.69 20.58 6.29
C ASN A 399 12.32 19.47 5.30
N THR A 400 11.07 19.00 5.38
CA THR A 400 10.61 17.94 4.47
C THR A 400 10.63 18.50 3.03
N GLY A 401 10.10 19.71 2.86
CA GLY A 401 10.05 20.33 1.54
C GLY A 401 11.43 20.59 0.97
N ASP A 402 12.35 21.04 1.81
CA ASP A 402 13.71 21.30 1.35
CA ASP A 402 13.70 21.31 1.38
C ASP A 402 14.36 20.02 0.91
N ALA A 403 14.18 18.93 1.67
CA ALA A 403 14.74 17.66 1.30
C ALA A 403 14.13 17.22 -0.04
N TYR A 404 12.84 17.44 -0.25
CA TYR A 404 12.21 17.05 -1.53
C TYR A 404 12.78 17.88 -2.69
N ARG A 405 12.96 19.18 -2.52
CA ARG A 405 13.55 20.01 -3.60
CA ARG A 405 13.53 19.98 -3.61
C ARG A 405 14.96 19.55 -3.93
N LYS A 406 15.70 19.09 -2.94
CA LYS A 406 17.05 18.59 -3.18
C LYS A 406 17.04 17.25 -3.93
N LEU A 407 16.08 16.38 -3.61
CA LEU A 407 15.90 15.08 -4.27
C LEU A 407 15.37 15.21 -5.70
N LEU A 408 14.47 16.17 -5.88
CA LEU A 408 13.74 16.43 -7.12
C LEU A 408 14.26 17.76 -7.67
N LYS A 409 15.40 17.67 -8.31
CA LYS A 409 16.14 18.79 -8.79
C LYS A 409 15.34 19.75 -9.69
N ASP A 410 14.31 19.25 -10.37
CA ASP A 410 13.52 20.09 -11.26
C ASP A 410 12.11 20.42 -10.77
N TYR A 411 11.89 20.26 -9.47
CA TYR A 411 10.62 20.69 -8.89
C TYR A 411 10.77 22.04 -8.22
N LYS A 412 9.73 22.85 -8.27
CA LYS A 412 9.66 24.12 -7.52
C LYS A 412 9.22 23.86 -6.09
#